data_3UEN
#
_entry.id   3UEN
#
_cell.length_a   35.902
_cell.length_b   48.801
_cell.length_c   126.088
_cell.angle_alpha   90.00
_cell.angle_beta   90.00
_cell.angle_gamma   90.00
#
_symmetry.space_group_name_H-M   'P 2 2 21'
#
loop_
_entity.id
_entity.type
_entity.pdbx_description
1 polymer 'DNA topoisomerase 2-binding protein 1'
2 non-polymer 'THIOCYANATE ION'
3 non-polymer GLYCEROL
4 water water
#
_entity_poly.entity_id   1
_entity_poly.type   'polypeptide(L)'
_entity_poly.pdbx_seq_one_letter_code
;GPLGSEEGLFSQKSFLVLGFSNENESNIANIIKENAGKIMSLLSRTVADYAVVPLLGCEVEATVGEVVTNTWLVTCIDYQ
TLFDPKSNPLFTPVPVMTGMTPLEDCVISFSQCAGAEKESLTFLANLLGASVQEYFVRKSNAKKGMFASTHLILKERGGS
KYEAAKKWNLPAVTIAWLLETARTGKRADESHFLIENSTKEER
;
_entity_poly.pdbx_strand_id   A
#
loop_
_chem_comp.id
_chem_comp.type
_chem_comp.name
_chem_comp.formula
GOL non-polymer GLYCEROL 'C3 H8 O3'
SCN non-polymer 'THIOCYANATE ION' 'C N S -1'
#
# COMPACT_ATOMS: atom_id res chain seq x y z
N GLU A 7 15.34 7.89 -22.89
CA GLU A 7 14.03 7.35 -23.22
C GLU A 7 13.11 7.22 -22.00
N GLY A 8 11.80 7.14 -22.26
CA GLY A 8 10.80 7.07 -21.21
C GLY A 8 10.96 5.87 -20.30
N LEU A 9 10.42 6.00 -19.08
CA LEU A 9 10.56 4.99 -18.05
C LEU A 9 10.05 3.63 -18.51
N PHE A 10 8.94 3.65 -19.22
CA PHE A 10 8.29 2.43 -19.65
C PHE A 10 8.54 2.12 -21.11
N SER A 11 9.61 2.69 -21.67
CA SER A 11 9.99 2.43 -23.05
C SER A 11 10.16 0.91 -23.26
N GLN A 12 9.62 0.39 -24.35
CA GLN A 12 9.67 -1.05 -24.65
CA GLN A 12 9.68 -1.06 -24.64
C GLN A 12 8.97 -1.95 -23.61
N LYS A 13 8.06 -1.39 -22.82
CA LYS A 13 7.21 -2.22 -21.94
C LYS A 13 5.77 -2.10 -22.42
N SER A 14 4.98 -3.15 -22.23
CA SER A 14 3.58 -3.14 -22.65
C SER A 14 2.69 -3.46 -21.46
N PHE A 15 1.46 -2.94 -21.48
CA PHE A 15 0.58 -2.98 -20.32
C PHE A 15 -0.85 -3.29 -20.70
N LEU A 16 -1.51 -4.13 -19.90
CA LEU A 16 -2.97 -4.15 -19.82
C LEU A 16 -3.38 -3.23 -18.64
N VAL A 17 -4.52 -2.59 -18.76
CA VAL A 17 -5.09 -1.80 -17.65
C VAL A 17 -6.47 -2.37 -17.39
N LEU A 18 -6.66 -2.94 -16.21
CA LEU A 18 -7.85 -3.77 -15.91
C LEU A 18 -8.47 -3.42 -14.57
N GLY A 19 -9.80 -3.50 -14.50
CA GLY A 19 -10.48 -3.40 -13.23
C GLY A 19 -10.86 -2.01 -12.74
N PHE A 20 -10.59 -0.97 -13.52
CA PHE A 20 -10.86 0.41 -13.10
C PHE A 20 -12.13 0.95 -13.74
N SER A 21 -12.70 2.00 -13.15
CA SER A 21 -13.75 2.76 -13.79
C SER A 21 -13.22 3.33 -15.10
N ASN A 22 -14.13 3.76 -15.98
CA ASN A 22 -13.74 4.36 -17.25
C ASN A 22 -12.78 5.51 -17.12
N GLU A 23 -13.09 6.38 -16.16
CA GLU A 23 -12.23 7.51 -15.85
C GLU A 23 -10.83 7.07 -15.45
N ASN A 24 -10.74 6.15 -14.49
CA ASN A 24 -9.45 5.70 -14.00
C ASN A 24 -8.65 4.90 -15.03
N GLU A 25 -9.32 4.08 -15.84
CA GLU A 25 -8.69 3.33 -16.93
CA GLU A 25 -8.60 3.33 -16.86
C GLU A 25 -7.96 4.27 -17.86
N SER A 26 -8.69 5.28 -18.34
CA SER A 26 -8.11 6.25 -19.26
C SER A 26 -7.00 7.09 -18.64
N ASN A 27 -7.19 7.51 -17.41
CA ASN A 27 -6.16 8.29 -16.71
C ASN A 27 -4.88 7.49 -16.54
N ILE A 28 -5.03 6.21 -16.21
CA ILE A 28 -3.88 5.34 -15.99
C ILE A 28 -3.21 5.05 -17.32
N ALA A 29 -4.02 4.77 -18.34
CA ALA A 29 -3.46 4.56 -19.67
C ALA A 29 -2.69 5.80 -20.14
N ASN A 30 -3.22 6.98 -19.85
CA ASN A 30 -2.57 8.20 -20.30
C ASN A 30 -1.21 8.39 -19.64
N ILE A 31 -1.17 8.15 -18.35
CA ILE A 31 0.09 8.20 -17.61
C ILE A 31 1.12 7.20 -18.14
N ILE A 32 0.67 5.99 -18.44
CA ILE A 32 1.58 5.00 -19.00
C ILE A 32 2.16 5.44 -20.33
N LYS A 33 1.30 5.94 -21.21
CA LYS A 33 1.72 6.35 -22.54
C LYS A 33 2.62 7.58 -22.50
N GLU A 34 2.35 8.48 -21.56
CA GLU A 34 3.18 9.67 -21.38
C GLU A 34 4.60 9.25 -21.00
N ASN A 35 4.73 8.07 -20.42
CA ASN A 35 6.04 7.54 -20.00
C ASN A 35 6.59 6.49 -20.96
N ALA A 36 6.07 6.56 -22.19
CA ALA A 36 6.52 5.75 -23.32
C ALA A 36 6.08 4.29 -23.28
N GLY A 37 5.13 3.96 -22.42
CA GLY A 37 4.62 2.59 -22.38
C GLY A 37 3.56 2.31 -23.45
N LYS A 38 3.36 1.03 -23.76
CA LYS A 38 2.35 0.62 -24.74
C LYS A 38 1.16 -0.04 -24.07
N ILE A 39 -0.04 0.27 -24.55
CA ILE A 39 -1.24 -0.28 -23.93
C ILE A 39 -1.78 -1.35 -24.83
N MET A 40 -1.95 -2.54 -24.29
CA MET A 40 -2.33 -3.69 -25.08
C MET A 40 -3.81 -4.09 -24.87
N SER A 41 -4.33 -4.87 -25.82
CA SER A 41 -5.69 -5.35 -25.72
C SER A 41 -5.72 -6.73 -25.07
N LEU A 42 -6.85 -7.09 -24.47
CA LEU A 42 -7.01 -8.45 -23.97
C LEU A 42 -6.87 -9.46 -25.14
N LEU A 43 -7.10 -8.98 -26.36
CA LEU A 43 -7.12 -9.82 -27.56
C LEU A 43 -5.81 -9.78 -28.35
N SER A 44 -4.79 -9.14 -27.78
CA SER A 44 -3.52 -8.91 -28.48
C SER A 44 -2.77 -10.20 -28.87
N ARG A 45 -1.85 -10.08 -29.83
CA ARG A 45 -1.00 -11.19 -30.26
C ARG A 45 -0.08 -11.74 -29.16
N THR A 46 0.55 -10.84 -28.42
CA THR A 46 1.65 -11.21 -27.51
C THR A 46 1.28 -11.00 -26.03
N VAL A 47 2.17 -11.44 -25.15
CA VAL A 47 1.97 -11.36 -23.72
C VAL A 47 2.37 -9.94 -23.26
N ALA A 48 1.48 -9.20 -22.61
CA ALA A 48 1.86 -7.91 -22.03
C ALA A 48 2.87 -8.11 -20.90
N ASP A 49 3.82 -7.20 -20.77
CA ASP A 49 4.73 -7.24 -19.63
C ASP A 49 3.99 -7.16 -18.30
N TYR A 50 2.98 -6.29 -18.22
CA TYR A 50 2.28 -6.02 -16.97
C TYR A 50 0.76 -5.92 -17.17
N ALA A 51 0.01 -6.39 -16.20
CA ALA A 51 -1.38 -5.98 -16.06
C ALA A 51 -1.44 -5.04 -14.86
N VAL A 52 -1.88 -3.80 -15.08
CA VAL A 52 -2.05 -2.87 -13.96
C VAL A 52 -3.47 -2.97 -13.43
N VAL A 53 -3.59 -3.31 -12.14
CA VAL A 53 -4.89 -3.58 -11.53
C VAL A 53 -5.08 -2.76 -10.22
N PRO A 54 -6.29 -2.77 -9.64
CA PRO A 54 -6.46 -2.09 -8.34
C PRO A 54 -5.73 -2.82 -7.20
N LEU A 55 -5.66 -2.18 -6.03
CA LEU A 55 -4.84 -2.67 -4.91
C LEU A 55 -5.37 -3.99 -4.50
N LEU A 56 -6.69 -4.12 -4.58
CA LEU A 56 -7.34 -5.34 -4.10
C LEU A 56 -7.47 -6.38 -5.22
N GLY A 57 -6.94 -6.07 -6.39
CA GLY A 57 -7.03 -6.97 -7.54
C GLY A 57 -8.32 -6.95 -8.33
N CYS A 58 -8.37 -7.76 -9.39
CA CYS A 58 -9.53 -7.84 -10.24
C CYS A 58 -9.33 -9.05 -11.15
N GLU A 59 -10.28 -9.26 -12.05
CA GLU A 59 -10.13 -10.35 -13.02
C GLU A 59 -9.02 -10.10 -14.03
N VAL A 60 -8.10 -11.06 -14.17
CA VAL A 60 -7.09 -10.95 -15.22
C VAL A 60 -7.18 -12.21 -16.05
N GLU A 61 -7.84 -12.10 -17.19
CA GLU A 61 -8.15 -13.28 -18.00
C GLU A 61 -7.02 -13.71 -18.93
N ALA A 62 -6.03 -12.85 -19.14
CA ALA A 62 -5.00 -13.12 -20.14
C ALA A 62 -3.67 -13.37 -19.46
N THR A 63 -2.81 -14.17 -20.08
CA THR A 63 -1.43 -14.30 -19.66
C THR A 63 -0.68 -12.97 -19.73
N VAL A 64 0.02 -12.62 -18.65
CA VAL A 64 0.85 -11.42 -18.63
C VAL A 64 2.14 -11.72 -17.90
N GLY A 65 3.14 -10.87 -18.07
CA GLY A 65 4.38 -11.05 -17.33
C GLY A 65 4.18 -11.01 -15.82
N GLU A 66 3.60 -9.91 -15.32
CA GLU A 66 3.37 -9.73 -13.88
CA GLU A 66 3.29 -9.81 -13.89
C GLU A 66 2.10 -8.90 -13.65
N VAL A 67 1.28 -9.29 -12.69
CA VAL A 67 0.13 -8.45 -12.31
C VAL A 67 0.59 -7.46 -11.25
N VAL A 68 0.37 -6.17 -11.51
CA VAL A 68 0.92 -5.09 -10.67
C VAL A 68 -0.18 -4.09 -10.32
N THR A 69 0.03 -3.26 -9.28
CA THR A 69 -1.04 -2.34 -8.88
C THR A 69 -0.74 -0.94 -9.37
N ASN A 70 -1.73 -0.07 -9.37
CA ASN A 70 -1.44 1.30 -9.73
C ASN A 70 -0.51 1.96 -8.69
N THR A 71 -0.45 1.41 -7.47
CA THR A 71 0.51 1.88 -6.43
C THR A 71 1.92 1.66 -6.92
N TRP A 72 2.18 0.50 -7.49
CA TRP A 72 3.45 0.26 -8.15
C TRP A 72 3.69 1.25 -9.27
N LEU A 73 2.72 1.39 -10.17
CA LEU A 73 2.84 2.29 -11.32
C LEU A 73 3.20 3.68 -10.87
N VAL A 74 2.41 4.23 -9.95
CA VAL A 74 2.62 5.60 -9.48
C VAL A 74 3.96 5.73 -8.74
N THR A 75 4.32 4.71 -7.98
CA THR A 75 5.59 4.74 -7.26
C THR A 75 6.78 4.75 -8.21
N CYS A 76 6.70 3.96 -9.29
CA CYS A 76 7.76 3.96 -10.30
C CYS A 76 7.94 5.35 -10.90
N ILE A 77 6.83 6.00 -11.21
CA ILE A 77 6.89 7.30 -11.83
C ILE A 77 7.40 8.39 -10.87
N ASP A 78 6.98 8.32 -9.61
CA ASP A 78 7.44 9.25 -8.59
C ASP A 78 8.94 9.21 -8.36
N TYR A 79 9.52 8.01 -8.45
CA TYR A 79 10.95 7.83 -8.19
C TYR A 79 11.74 7.62 -9.48
N GLN A 80 11.05 7.76 -10.62
CA GLN A 80 11.65 7.60 -11.95
C GLN A 80 12.48 6.33 -12.01
N THR A 81 11.95 5.27 -11.44
CA THR A 81 12.67 4.03 -11.31
C THR A 81 11.71 2.90 -11.58
N LEU A 82 12.18 1.89 -12.30
CA LEU A 82 11.37 0.73 -12.58
C LEU A 82 11.58 -0.32 -11.50
N PHE A 83 10.76 -0.22 -10.46
CA PHE A 83 10.85 -1.13 -9.34
C PHE A 83 10.41 -2.53 -9.70
N ASP A 84 11.13 -3.52 -9.18
CA ASP A 84 10.66 -4.89 -9.21
C ASP A 84 9.37 -4.95 -8.39
N PRO A 85 8.28 -5.50 -8.97
CA PRO A 85 6.99 -5.63 -8.25
C PRO A 85 7.08 -6.44 -6.96
N LYS A 86 8.03 -7.36 -6.91
CA LYS A 86 8.24 -8.16 -5.72
C LYS A 86 8.90 -7.35 -4.60
N SER A 87 9.35 -6.12 -4.87
CA SER A 87 10.09 -5.37 -3.82
C SER A 87 9.20 -4.76 -2.73
N ASN A 88 7.89 -4.82 -2.92
CA ASN A 88 6.96 -4.20 -1.97
C ASN A 88 5.63 -4.89 -2.10
N PRO A 89 5.06 -5.31 -0.97
CA PRO A 89 3.82 -6.08 -1.09
C PRO A 89 2.63 -5.26 -1.65
N LEU A 90 2.69 -3.93 -1.62
CA LEU A 90 1.63 -3.11 -2.21
C LEU A 90 1.77 -2.96 -3.74
N PHE A 91 2.82 -3.55 -4.32
CA PHE A 91 3.06 -3.48 -5.75
C PHE A 91 2.28 -4.55 -6.50
N THR A 92 1.74 -5.51 -5.75
CA THR A 92 0.91 -6.56 -6.31
C THR A 92 -0.38 -6.62 -5.50
N PRO A 93 -1.45 -7.20 -6.07
CA PRO A 93 -2.75 -7.21 -5.37
C PRO A 93 -2.63 -7.72 -3.94
N VAL A 94 -3.35 -7.06 -3.05
CA VAL A 94 -3.32 -7.33 -1.62
C VAL A 94 -4.59 -8.08 -1.22
N PRO A 95 -4.46 -9.29 -0.66
CA PRO A 95 -5.66 -10.02 -0.22
C PRO A 95 -6.26 -9.38 1.02
N VAL A 96 -7.56 -9.10 0.97
CA VAL A 96 -8.26 -8.44 2.05
C VAL A 96 -9.54 -9.25 2.28
N MET A 97 -9.79 -9.66 3.51
CA MET A 97 -11.05 -10.31 3.81
CA MET A 97 -11.04 -10.32 3.85
C MET A 97 -12.16 -9.29 3.87
N THR A 98 -13.05 -9.35 2.88
CA THR A 98 -14.13 -8.38 2.69
CA THR A 98 -14.11 -8.36 2.71
C THR A 98 -15.11 -8.25 3.86
N GLY A 99 -15.46 -7.03 4.20
CA GLY A 99 -16.47 -6.77 5.20
C GLY A 99 -16.00 -6.80 6.63
N MET A 100 -14.73 -7.13 6.87
CA MET A 100 -14.22 -7.23 8.25
C MET A 100 -13.59 -5.95 8.73
N THR A 101 -13.92 -5.56 9.97
CA THR A 101 -13.36 -4.35 10.57
C THR A 101 -12.68 -4.62 11.93
N PRO A 102 -11.59 -5.40 11.91
CA PRO A 102 -10.93 -5.80 13.14
C PRO A 102 -10.19 -4.64 13.84
N LEU A 103 -9.91 -3.57 13.11
CA LEU A 103 -9.18 -2.43 13.72
C LEU A 103 -10.07 -1.25 14.11
N GLU A 104 -11.37 -1.48 14.26
CA GLU A 104 -12.31 -0.39 14.57
C GLU A 104 -12.00 0.43 15.82
N ASP A 105 -11.32 -0.16 16.80
CA ASP A 105 -10.92 0.61 17.99
C ASP A 105 -9.45 1.05 17.97
N CYS A 106 -8.77 0.85 16.84
CA CYS A 106 -7.35 1.18 16.77
C CYS A 106 -7.16 2.52 16.10
N VAL A 107 -6.06 3.17 16.45
CA VAL A 107 -5.76 4.48 15.89
C VAL A 107 -4.30 4.40 15.45
N ILE A 108 -4.06 4.59 14.17
CA ILE A 108 -2.76 4.29 13.58
C ILE A 108 -2.08 5.56 13.10
N SER A 109 -0.78 5.66 13.33
CA SER A 109 0.05 6.63 12.65
C SER A 109 1.13 5.89 11.89
N PHE A 110 1.53 6.42 10.74
CA PHE A 110 2.59 5.80 9.96
C PHE A 110 3.86 6.61 10.10
N SER A 111 4.99 5.92 9.98
CA SER A 111 6.28 6.57 9.90
C SER A 111 7.03 5.97 8.71
N GLN A 112 7.83 6.80 8.04
CA GLN A 112 8.76 6.39 6.96
C GLN A 112 8.06 5.96 5.67
N CYS A 113 6.78 6.30 5.56
CA CYS A 113 5.94 5.97 4.40
C CYS A 113 5.56 7.27 3.71
N ALA A 114 5.61 7.30 2.39
CA ALA A 114 5.30 8.54 1.66
C ALA A 114 4.47 8.24 0.43
N GLY A 115 3.90 9.29 -0.16
CA GLY A 115 3.25 9.20 -1.46
C GLY A 115 2.22 8.10 -1.60
N ALA A 116 2.24 7.42 -2.75
CA ALA A 116 1.27 6.36 -3.03
C ALA A 116 1.25 5.22 -2.01
N GLU A 117 2.43 4.81 -1.52
CA GLU A 117 2.49 3.78 -0.49
C GLU A 117 1.70 4.21 0.75
N LYS A 118 2.00 5.41 1.25
CA LYS A 118 1.25 5.94 2.38
C LYS A 118 -0.26 6.02 2.12
N GLU A 119 -0.63 6.43 0.92
CA GLU A 119 -2.05 6.52 0.57
C GLU A 119 -2.69 5.16 0.59
N SER A 120 -2.00 4.17 0.03
CA SER A 120 -2.55 2.83 0.00
C SER A 120 -2.63 2.18 1.37
N LEU A 121 -1.62 2.43 2.20
CA LEU A 121 -1.60 1.91 3.56
C LEU A 121 -2.74 2.55 4.38
N THR A 122 -2.96 3.84 4.14
CA THR A 122 -4.02 4.60 4.81
C THR A 122 -5.37 4.03 4.41
N PHE A 123 -5.51 3.74 3.12
CA PHE A 123 -6.73 3.13 2.61
C PHE A 123 -7.02 1.82 3.33
N LEU A 124 -5.99 0.99 3.44
CA LEU A 124 -6.17 -0.35 3.99
C LEU A 124 -6.52 -0.23 5.46
N ALA A 125 -5.81 0.63 6.16
CA ALA A 125 -6.09 0.84 7.57
C ALA A 125 -7.54 1.29 7.79
N ASN A 126 -8.01 2.24 6.98
CA ASN A 126 -9.39 2.77 7.07
C ASN A 126 -10.41 1.70 6.72
N LEU A 127 -10.10 0.92 5.70
CA LEU A 127 -10.98 -0.17 5.30
C LEU A 127 -11.20 -1.18 6.46
N LEU A 128 -10.17 -1.41 7.27
CA LEU A 128 -10.26 -2.31 8.42
C LEU A 128 -10.85 -1.66 9.66
N GLY A 129 -11.20 -0.38 9.57
CA GLY A 129 -11.96 0.31 10.59
C GLY A 129 -11.15 1.27 11.44
N ALA A 130 -9.84 1.34 11.23
CA ALA A 130 -8.97 2.17 12.07
C ALA A 130 -9.10 3.63 11.72
N SER A 131 -8.77 4.47 12.68
CA SER A 131 -8.59 5.90 12.45
CA SER A 131 -8.59 5.89 12.42
C SER A 131 -7.11 6.09 12.15
N VAL A 132 -6.79 6.85 11.10
CA VAL A 132 -5.41 7.14 10.79
C VAL A 132 -5.10 8.59 11.13
N GLN A 133 -4.04 8.79 11.90
CA GLN A 133 -3.62 10.14 12.37
C GLN A 133 -2.32 10.54 11.70
N GLU A 134 -2.27 11.75 11.15
CA GLU A 134 -1.03 12.26 10.58
C GLU A 134 0.08 12.33 11.63
N TYR A 135 -0.25 12.81 12.83
CA TYR A 135 0.74 12.98 13.89
C TYR A 135 0.56 11.91 14.96
N PHE A 136 1.68 11.47 15.53
CA PHE A 136 1.73 10.42 16.54
C PHE A 136 1.84 11.00 17.95
N VAL A 137 0.76 10.93 18.72
CA VAL A 137 0.72 11.49 20.08
C VAL A 137 0.10 10.49 21.06
N ARG A 138 0.45 10.61 22.33
CA ARG A 138 -0.12 9.69 23.31
C ARG A 138 -1.33 10.27 24.02
N LYS A 139 -1.62 11.53 23.74
CA LYS A 139 -2.74 12.22 24.36
C LYS A 139 -3.51 13.00 23.29
N SER A 140 -4.82 12.83 23.30
CA SER A 140 -5.65 13.52 22.33
CA SER A 140 -5.70 13.52 22.36
C SER A 140 -5.62 15.03 22.57
N ASN A 141 -5.83 15.78 21.49
CA ASN A 141 -5.90 17.24 21.56
C ASN A 141 -7.13 17.71 20.82
N ALA A 142 -8.17 18.08 21.57
CA ALA A 142 -9.44 18.52 21.01
C ALA A 142 -9.26 19.71 20.08
N LYS A 143 -8.42 20.64 20.50
CA LYS A 143 -8.24 21.90 19.78
C LYS A 143 -7.66 21.63 18.40
N LYS A 144 -6.70 20.71 18.33
CA LYS A 144 -6.07 20.37 17.06
C LYS A 144 -6.76 19.22 16.33
N GLY A 145 -7.78 18.64 16.95
CA GLY A 145 -8.49 17.53 16.30
C GLY A 145 -7.61 16.28 16.20
N MET A 146 -6.66 16.12 17.12
CA MET A 146 -5.78 14.96 17.08
C MET A 146 -6.15 13.93 18.14
N PHE A 147 -6.20 12.65 17.75
CA PHE A 147 -6.44 11.56 18.68
C PHE A 147 -5.14 10.78 18.93
N ALA A 148 -4.97 10.32 20.16
CA ALA A 148 -3.82 9.53 20.57
C ALA A 148 -3.79 8.26 19.74
N SER A 149 -2.61 7.81 19.33
CA SER A 149 -2.51 6.57 18.56
C SER A 149 -2.36 5.36 19.48
N THR A 150 -2.93 4.24 19.04
CA THR A 150 -2.73 2.98 19.73
C THR A 150 -1.54 2.23 19.10
N HIS A 151 -1.23 2.55 17.84
CA HIS A 151 -0.22 1.82 17.07
C HIS A 151 0.59 2.72 16.19
N LEU A 152 1.88 2.44 16.11
CA LEU A 152 2.74 3.04 15.11
C LEU A 152 3.09 1.95 14.10
N ILE A 153 2.95 2.25 12.80
CA ILE A 153 3.38 1.34 11.75
C ILE A 153 4.51 1.97 10.96
N LEU A 154 5.62 1.25 10.80
CA LEU A 154 6.79 1.82 10.17
C LEU A 154 7.65 0.75 9.50
N LYS A 155 8.79 1.17 9.00
CA LYS A 155 9.64 0.31 8.18
C LYS A 155 10.96 -0.05 8.81
N GLU A 156 11.51 0.86 9.60
CA GLU A 156 12.87 0.70 10.16
C GLU A 156 12.90 1.16 11.59
N ARG A 157 13.86 0.64 12.33
CA ARG A 157 14.12 1.21 13.63
C ARG A 157 14.65 2.60 13.34
N GLY A 158 14.17 3.60 14.05
CA GLY A 158 14.76 4.91 13.90
C GLY A 158 13.71 5.95 13.65
N GLY A 159 14.04 7.18 14.03
CA GLY A 159 13.18 8.32 13.78
C GLY A 159 12.39 8.76 15.01
N SER A 160 11.71 9.88 14.88
CA SER A 160 11.03 10.51 16.02
C SER A 160 9.88 9.67 16.57
N LYS A 161 8.99 9.21 15.70
CA LYS A 161 7.83 8.48 16.19
C LYS A 161 8.27 7.16 16.82
N TYR A 162 9.31 6.58 16.22
CA TYR A 162 9.95 5.37 16.74
C TYR A 162 10.35 5.55 18.19
N GLU A 163 11.11 6.60 18.46
CA GLU A 163 11.57 6.90 19.82
C GLU A 163 10.41 7.14 20.76
N ALA A 164 9.41 7.90 20.30
CA ALA A 164 8.23 8.17 21.12
C ALA A 164 7.45 6.89 21.48
N ALA A 165 7.33 5.95 20.54
CA ALA A 165 6.55 4.74 20.79
C ALA A 165 7.21 3.95 21.90
N LYS A 166 8.54 3.94 21.89
CA LYS A 166 9.29 3.28 22.96
C LYS A 166 9.07 3.97 24.28
N LYS A 167 9.20 5.29 24.28
CA LYS A 167 9.01 6.06 25.50
C LYS A 167 7.61 5.87 26.08
N TRP A 168 6.60 5.82 25.21
CA TRP A 168 5.21 5.77 25.63
C TRP A 168 4.70 4.31 25.77
N ASN A 169 5.55 3.35 25.52
CA ASN A 169 5.14 1.93 25.57
CA ASN A 169 5.16 1.94 25.54
C ASN A 169 3.98 1.64 24.63
N LEU A 170 4.05 2.13 23.40
CA LEU A 170 3.03 1.82 22.39
C LEU A 170 3.65 0.85 21.37
N PRO A 171 2.84 -0.07 20.82
CA PRO A 171 3.41 -1.01 19.84
C PRO A 171 3.80 -0.31 18.56
N ALA A 172 5.01 -0.61 18.09
CA ALA A 172 5.51 -0.08 16.84
C ALA A 172 5.75 -1.32 16.01
N VAL A 173 5.01 -1.47 14.93
CA VAL A 173 5.01 -2.73 14.18
C VAL A 173 5.32 -2.53 12.71
N THR A 174 5.65 -3.62 12.03
CA THR A 174 5.94 -3.57 10.61
C THR A 174 4.66 -3.53 9.80
N ILE A 175 4.77 -3.22 8.53
CA ILE A 175 3.60 -3.16 7.68
C ILE A 175 2.92 -4.53 7.59
N ALA A 176 3.71 -5.59 7.73
CA ALA A 176 3.17 -6.96 7.72
C ALA A 176 2.06 -7.17 8.73
N TRP A 177 2.12 -6.48 9.88
CA TRP A 177 1.06 -6.58 10.87
C TRP A 177 -0.25 -6.17 10.25
N LEU A 178 -0.23 -5.03 9.54
CA LEU A 178 -1.45 -4.51 8.92
C LEU A 178 -1.90 -5.44 7.76
N LEU A 179 -0.95 -5.91 6.97
CA LEU A 179 -1.33 -6.78 5.83
C LEU A 179 -1.85 -8.16 6.31
N GLU A 180 -1.37 -8.62 7.45
CA GLU A 180 -1.80 -9.92 7.94
C GLU A 180 -3.21 -9.78 8.54
N THR A 181 -3.45 -8.64 9.18
CA THR A 181 -4.78 -8.31 9.69
C THR A 181 -5.77 -8.21 8.53
N ALA A 182 -5.36 -7.60 7.42
CA ALA A 182 -6.24 -7.51 6.24
C ALA A 182 -6.53 -8.88 5.63
N ARG A 183 -5.50 -9.73 5.55
CA ARG A 183 -5.63 -11.07 4.95
C ARG A 183 -6.60 -11.94 5.73
N THR A 184 -6.59 -11.83 7.06
CA THR A 184 -7.39 -12.70 7.91
C THR A 184 -8.71 -12.10 8.39
N GLY A 185 -8.83 -10.78 8.35
CA GLY A 185 -9.98 -10.11 8.93
C GLY A 185 -9.98 -10.08 10.45
N LYS A 186 -8.87 -10.53 11.05
CA LYS A 186 -8.69 -10.56 12.51
C LYS A 186 -7.47 -9.74 12.91
N ARG A 187 -7.56 -9.01 14.00
CA ARG A 187 -6.43 -8.24 14.49
C ARG A 187 -5.22 -9.13 14.78
N ALA A 188 -4.13 -8.92 14.05
CA ALA A 188 -2.95 -9.75 14.25
C ALA A 188 -2.25 -9.47 15.58
N ASP A 189 -1.47 -10.46 16.02
CA ASP A 189 -0.74 -10.34 17.27
C ASP A 189 0.45 -9.40 17.07
N GLU A 190 0.36 -8.21 17.65
CA GLU A 190 1.41 -7.19 17.56
C GLU A 190 2.78 -7.75 17.95
N SER A 191 2.81 -8.64 18.94
CA SER A 191 4.09 -9.20 19.41
C SER A 191 4.84 -10.04 18.36
N HIS A 192 4.14 -10.42 17.27
CA HIS A 192 4.78 -11.12 16.15
C HIS A 192 5.43 -10.19 15.14
N PHE A 193 5.19 -8.89 15.27
CA PHE A 193 5.56 -7.93 14.21
C PHE A 193 6.26 -6.68 14.72
N LEU A 194 6.82 -6.70 15.93
CA LEU A 194 7.46 -5.51 16.50
C LEU A 194 8.67 -5.08 15.70
N ILE A 195 8.79 -3.78 15.53
CA ILE A 195 9.86 -3.23 14.69
C ILE A 195 11.25 -3.58 15.25
N GLU A 196 11.36 -3.65 16.57
CA GLU A 196 12.64 -3.92 17.22
C GLU A 196 13.15 -5.32 16.83
N ASN A 197 12.25 -6.18 16.37
CA ASN A 197 12.59 -7.56 16.08
C ASN A 197 12.64 -7.88 14.59
N SER A 198 12.59 -6.84 13.76
CA SER A 198 12.40 -6.98 12.32
C SER A 198 13.67 -6.98 11.53
N THR A 199 14.76 -6.52 12.14
CA THR A 199 16.02 -6.30 11.43
C THR A 199 16.72 -7.62 11.09
N LYS A 200 17.15 -7.75 9.84
CA LYS A 200 17.82 -8.97 9.43
C LYS A 200 19.10 -8.71 8.59
N GLU A 201 20.01 -9.70 8.59
CA GLU A 201 21.34 -9.58 8.00
C GLU A 201 22.18 -8.45 8.61
S SCN B . -5.80 1.42 -6.88
C SCN B . -4.17 1.20 -6.36
N SCN B . -3.13 0.60 -6.17
C1 GOL C . -8.33 -3.34 -22.76
O1 GOL C . -7.52 -2.84 -23.81
C2 GOL C . -7.73 -2.99 -21.42
O2 GOL C . -7.54 -1.60 -21.43
C3 GOL C . -6.36 -3.65 -21.33
O3 GOL C . -5.43 -2.62 -21.61
C1 GOL D . -10.36 -14.10 -1.48
O1 GOL D . -9.99 -13.30 -2.57
C2 GOL D . -10.07 -13.37 -0.17
O2 GOL D . -11.24 -13.36 0.63
C3 GOL D . -8.93 -14.06 0.56
O3 GOL D . -9.36 -14.48 1.83
C1 GOL E . -6.90 -15.43 -12.01
O1 GOL E . -5.82 -15.68 -11.15
C2 GOL E . -7.51 -14.11 -11.59
O2 GOL E . -8.17 -13.50 -12.67
C3 GOL E . -6.41 -13.21 -11.03
O3 GOL E . -6.98 -12.08 -10.42
C1 GOL F . -5.85 7.35 -11.38
O1 GOL F . -6.88 8.30 -11.58
C2 GOL F . -4.63 7.70 -12.23
O2 GOL F . -4.78 8.97 -12.82
C3 GOL F . -3.38 7.72 -11.37
O3 GOL F . -3.15 6.44 -10.82
C1 GOL G . -12.82 5.04 -21.88
O1 GOL G . -12.01 4.94 -20.72
C2 GOL G . -13.45 3.70 -22.19
O2 GOL G . -14.48 3.89 -23.15
C3 GOL G . -12.41 2.74 -22.76
O3 GOL G . -11.68 3.39 -23.78
#